data_1IQW
#
_entry.id   1IQW
#
_cell.length_a   43.435
_cell.length_b   73.965
_cell.length_c   133.773
_cell.angle_alpha   90.00
_cell.angle_beta   90.00
_cell.angle_gamma   90.00
#
_symmetry.space_group_name_H-M   'P 21 21 21'
#
loop_
_entity.id
_entity.type
_entity.pdbx_description
1 polymer 'ANTIBODY M-HFE7A, LIGHT CHAIN'
2 polymer 'ANTIBODY M-HFE7A, HEAVY CHAIN'
3 water water
#
loop_
_entity_poly.entity_id
_entity_poly.type
_entity_poly.pdbx_seq_one_letter_code
_entity_poly.pdbx_strand_id
1 'polypeptide(L)'
;DIVLTQSPASLAVSLGQRATISCKASQSVDYDGDSYMNWYQQKPGQPPKLLIYAASNLESGIPARFSGSGSGTDFTLNIH
PVEEEDAATYYCQQSNEDPRTFGGGTKLEIKRADAAPTVSIFPPSSEQLTSGGASVVCFLNNFYPKDINVKWKIDGSERQ
NGVLNSWTDQDSKDSTYSMSSTLTLTKDEYERHNSYTCEATHKTSTSPIVKSFNRNEC
;
L
2 'polypeptide(L)'
;QVQLQQPGAELVKPGASVKLSCKASGYTFTSYWMQWVKQRPGQGLEWIGEIDPSDSYTNYNQKFKGKATLTVDTSSSTAY
MQLSSLTSEDSAVYYCARNRDYSNNWYFDVWGTGTTVTVSSAKTTPPSVYPLAPGSAAQTNSMVTLGCLVKGYFPEPVTV
TWNSGSLSSGVHTFPAVLQSDLYTLSSSVTVPSSTWPSQTVTCNVAHPASSTKVDKKIVPRDCGCKPCIC
;
H
#
# COMPACT_ATOMS: atom_id res chain seq x y z
N ASP A 1 16.42 -12.16 -22.54
CA ASP A 1 15.25 -11.24 -22.66
C ASP A 1 15.68 -9.79 -22.53
N ILE A 2 14.83 -8.89 -22.99
CA ILE A 2 15.11 -7.45 -22.93
C ILE A 2 14.90 -6.92 -21.50
N VAL A 3 15.97 -6.43 -20.91
CA VAL A 3 15.89 -5.90 -19.55
C VAL A 3 15.69 -4.39 -19.56
N LEU A 4 14.83 -3.91 -18.68
CA LEU A 4 14.54 -2.50 -18.57
C LEU A 4 15.18 -1.96 -17.30
N THR A 5 15.80 -0.80 -17.39
CA THR A 5 16.45 -0.19 -16.23
C THR A 5 15.95 1.23 -16.06
N GLN A 6 15.41 1.52 -14.88
CA GLN A 6 14.89 2.85 -14.60
C GLN A 6 15.81 3.64 -13.70
N SER A 7 16.04 4.91 -14.07
CA SER A 7 16.88 5.79 -13.29
C SER A 7 16.22 7.15 -13.11
N PRO A 8 16.24 7.68 -11.88
CA PRO A 8 16.86 7.01 -10.73
C PRO A 8 15.80 6.09 -10.12
N ALA A 9 16.02 5.66 -8.87
CA ALA A 9 15.04 4.80 -8.20
C ALA A 9 14.11 5.67 -7.37
N SER A 10 14.59 6.86 -7.02
CA SER A 10 13.82 7.80 -6.22
C SER A 10 14.07 9.21 -6.75
N LEU A 11 13.05 10.05 -6.71
CA LEU A 11 13.18 11.41 -7.20
C LEU A 11 12.31 12.36 -6.40
N ALA A 12 12.84 13.54 -6.10
CA ALA A 12 12.12 14.56 -5.34
C ALA A 12 12.07 15.81 -6.20
N VAL A 13 10.85 16.27 -6.47
CA VAL A 13 10.64 17.44 -7.33
C VAL A 13 9.69 18.43 -6.66
N SER A 14 9.84 19.71 -6.98
CA SER A 14 9.01 20.75 -6.41
C SER A 14 7.74 20.96 -7.22
N LEU A 15 6.66 21.30 -6.53
CA LEU A 15 5.37 21.54 -7.17
C LEU A 15 5.51 22.51 -8.33
N GLY A 16 4.88 22.19 -9.46
CA GLY A 16 4.95 23.06 -10.61
C GLY A 16 6.19 22.86 -11.45
N GLN A 17 7.10 22.01 -10.99
CA GLN A 17 8.33 21.74 -11.75
C GLN A 17 8.15 20.53 -12.65
N ARG A 18 9.21 20.22 -13.39
CA ARG A 18 9.20 19.11 -14.32
C ARG A 18 9.91 17.88 -13.77
N ALA A 19 9.25 16.73 -13.86
CA ALA A 19 9.84 15.48 -13.42
C ALA A 19 10.11 14.66 -14.66
N THR A 20 11.34 14.14 -14.79
CA THR A 20 11.68 13.33 -15.93
C THR A 20 12.14 11.97 -15.43
N ILE A 21 11.45 10.92 -15.86
CA ILE A 21 11.77 9.56 -15.46
C ILE A 21 12.31 8.79 -16.66
N SER A 22 13.52 8.26 -16.50
CA SER A 22 14.19 7.52 -17.56
C SER A 22 14.01 6.01 -17.50
N CYS A 23 14.00 5.39 -18.67
CA CYS A 23 13.86 3.94 -18.78
C CYS A 23 14.74 3.47 -19.92
N LYS A 24 15.66 2.56 -19.61
CA LYS A 24 16.58 2.02 -20.60
C LYS A 24 16.31 0.55 -20.92
N ALA A 25 16.16 0.27 -22.20
CA ALA A 25 15.93 -1.10 -22.64
C ALA A 25 17.29 -1.69 -22.98
N SER A 26 17.46 -2.98 -22.72
CA SER A 26 18.70 -3.66 -23.01
C SER A 26 18.84 -3.84 -24.53
N GLN A 27 17.71 -3.96 -25.20
CA GLN A 27 17.68 -4.12 -26.65
C GLN A 27 16.52 -3.33 -27.24
N SER A 28 16.60 -3.01 -28.53
CA SER A 28 15.55 -2.25 -29.21
C SER A 28 14.16 -2.87 -29.05
N VAL A 29 13.19 -2.04 -28.68
CA VAL A 29 11.81 -2.50 -28.52
C VAL A 29 10.97 -1.88 -29.63
N ASP A 30 11.64 -1.51 -30.72
CA ASP A 30 10.99 -0.91 -31.86
C ASP A 30 10.55 -1.98 -32.86
N TYR A 31 9.56 -1.63 -33.68
CA TYR A 31 9.03 -2.52 -34.70
C TYR A 31 8.09 -1.72 -35.59
N ASP A 32 8.49 -1.54 -36.84
CA ASP A 32 7.69 -0.80 -37.81
C ASP A 32 7.40 0.62 -37.30
N GLY A 33 8.44 1.29 -36.80
CA GLY A 33 8.27 2.64 -36.30
C GLY A 33 7.34 2.74 -35.10
N ASP A 34 7.08 1.60 -34.47
CA ASP A 34 6.20 1.53 -33.31
C ASP A 34 7.00 1.07 -32.09
N SER A 35 7.16 1.95 -31.11
CA SER A 35 7.90 1.58 -29.90
C SER A 35 6.91 0.94 -28.92
N TYR A 36 7.19 -0.29 -28.51
CA TYR A 36 6.31 -1.03 -27.60
C TYR A 36 6.62 -0.79 -26.12
N MET A 37 6.69 0.48 -25.75
CA MET A 37 6.97 0.87 -24.36
C MET A 37 5.71 1.39 -23.66
N ASN A 38 5.38 0.80 -22.52
CA ASN A 38 4.21 1.22 -21.76
C ASN A 38 4.64 1.79 -20.41
N TRP A 39 3.80 2.63 -19.84
CA TRP A 39 4.08 3.25 -18.54
C TRP A 39 2.88 3.09 -17.61
N TYR A 40 3.17 2.71 -16.37
CA TYR A 40 2.13 2.53 -15.36
C TYR A 40 2.45 3.33 -14.12
N GLN A 41 1.41 3.66 -13.37
CA GLN A 41 1.56 4.40 -12.12
C GLN A 41 1.00 3.53 -11.01
N GLN A 42 1.67 3.50 -9.87
CA GLN A 42 1.17 2.72 -8.76
C GLN A 42 1.29 3.44 -7.43
N LYS A 43 0.13 3.67 -6.83
CA LYS A 43 0.04 4.33 -5.55
C LYS A 43 -0.06 3.23 -4.49
N PRO A 44 0.42 3.51 -3.27
CA PRO A 44 0.38 2.52 -2.18
C PRO A 44 -0.98 1.88 -2.00
N GLY A 45 -0.99 0.57 -1.75
CA GLY A 45 -2.23 -0.14 -1.55
C GLY A 45 -3.16 -0.16 -2.76
N GLN A 46 -2.60 0.02 -3.95
CA GLN A 46 -3.41 0.03 -5.15
C GLN A 46 -2.79 -0.72 -6.31
N PRO A 47 -3.62 -1.24 -7.22
CA PRO A 47 -3.05 -1.97 -8.35
C PRO A 47 -2.48 -0.94 -9.32
N PRO A 48 -1.55 -1.35 -10.19
CA PRO A 48 -0.97 -0.40 -11.15
C PRO A 48 -2.01 0.21 -12.09
N LYS A 49 -1.74 1.43 -12.56
CA LYS A 49 -2.65 2.13 -13.46
C LYS A 49 -1.95 2.45 -14.78
N LEU A 50 -2.63 2.24 -15.91
CA LEU A 50 -2.01 2.52 -17.21
C LEU A 50 -2.02 4.01 -17.52
N LEU A 51 -0.87 4.54 -17.90
CA LEU A 51 -0.73 5.96 -18.23
C LEU A 51 -0.56 6.18 -19.73
N ILE A 52 0.47 5.54 -20.28
CA ILE A 52 0.80 5.65 -21.70
C ILE A 52 1.14 4.30 -22.30
N TYR A 53 0.70 4.08 -23.54
CA TYR A 53 0.98 2.84 -24.24
C TYR A 53 1.63 3.18 -25.58
N ALA A 54 2.36 2.22 -26.14
CA ALA A 54 3.05 2.43 -27.41
C ALA A 54 3.96 3.66 -27.34
N ALA A 55 4.56 3.87 -26.17
CA ALA A 55 5.51 4.97 -25.95
C ALA A 55 4.99 6.41 -25.80
N SER A 56 4.02 6.82 -26.61
CA SER A 56 3.56 8.19 -26.52
C SER A 56 2.05 8.39 -26.54
N ASN A 57 1.31 7.30 -26.42
CA ASN A 57 -0.15 7.41 -26.44
C ASN A 57 -0.72 7.52 -25.03
N LEU A 58 -1.34 8.66 -24.76
CA LEU A 58 -1.94 8.95 -23.47
C LEU A 58 -3.27 8.22 -23.38
N GLU A 59 -3.41 7.35 -22.38
CA GLU A 59 -4.66 6.62 -22.20
C GLU A 59 -5.75 7.64 -21.84
N SER A 60 -6.98 7.37 -22.29
CA SER A 60 -8.09 8.28 -22.01
C SER A 60 -8.29 8.46 -20.51
N GLY A 61 -8.55 9.71 -20.10
CA GLY A 61 -8.76 10.00 -18.70
C GLY A 61 -7.49 10.40 -17.96
N ILE A 62 -6.35 10.30 -18.64
CA ILE A 62 -5.08 10.67 -18.04
C ILE A 62 -4.76 12.14 -18.36
N PRO A 63 -4.44 12.94 -17.33
CA PRO A 63 -4.12 14.36 -17.52
C PRO A 63 -3.00 14.62 -18.52
N ALA A 64 -3.20 15.63 -19.35
CA ALA A 64 -2.22 15.98 -20.39
C ALA A 64 -0.85 16.44 -19.88
N ARG A 65 -0.68 16.56 -18.56
CA ARG A 65 0.62 16.97 -18.02
C ARG A 65 1.59 15.79 -18.09
N PHE A 66 1.07 14.61 -18.42
CA PHE A 66 1.89 13.39 -18.55
C PHE A 66 2.19 13.21 -20.03
N SER A 67 3.43 12.88 -20.37
CA SER A 67 3.79 12.63 -21.75
C SER A 67 4.96 11.65 -21.80
N GLY A 68 5.04 10.89 -22.88
CA GLY A 68 6.12 9.94 -23.03
C GLY A 68 6.79 10.11 -24.37
N SER A 69 8.08 9.86 -24.41
CA SER A 69 8.82 9.99 -25.65
C SER A 69 9.95 8.97 -25.72
N GLY A 70 10.57 8.86 -26.88
CA GLY A 70 11.66 7.93 -27.06
C GLY A 70 11.46 6.90 -28.15
N SER A 71 12.53 6.18 -28.46
CA SER A 71 12.50 5.15 -29.48
C SER A 71 13.81 4.36 -29.40
N GLY A 72 13.79 3.14 -29.92
CA GLY A 72 14.99 2.31 -29.88
C GLY A 72 15.17 1.68 -28.51
N THR A 73 16.02 2.29 -27.68
CA THR A 73 16.28 1.78 -26.34
C THR A 73 16.18 2.84 -25.26
N ASP A 74 15.91 4.09 -25.65
CA ASP A 74 15.81 5.18 -24.69
C ASP A 74 14.41 5.77 -24.59
N PHE A 75 13.86 5.77 -23.38
CA PHE A 75 12.53 6.29 -23.15
C PHE A 75 12.45 7.13 -21.89
N THR A 76 11.55 8.10 -21.91
CA THR A 76 11.38 8.97 -20.76
C THR A 76 9.91 9.26 -20.56
N LEU A 77 9.54 9.47 -19.31
CA LEU A 77 8.17 9.81 -18.96
C LEU A 77 8.34 11.22 -18.40
N ASN A 78 7.53 12.14 -18.87
CA ASN A 78 7.62 13.52 -18.39
C ASN A 78 6.34 13.97 -17.73
N ILE A 79 6.48 14.66 -16.61
CA ILE A 79 5.34 15.21 -15.89
C ILE A 79 5.70 16.67 -15.70
N HIS A 80 4.89 17.54 -16.30
CA HIS A 80 5.16 18.96 -16.24
C HIS A 80 3.84 19.68 -16.53
N PRO A 81 3.30 20.39 -15.53
CA PRO A 81 3.87 20.49 -14.17
C PRO A 81 3.43 19.39 -13.21
N VAL A 82 4.34 19.03 -12.30
CA VAL A 82 4.05 18.00 -11.31
C VAL A 82 3.05 18.56 -10.29
N GLU A 83 2.14 17.70 -9.84
CA GLU A 83 1.13 18.07 -8.84
C GLU A 83 1.30 17.14 -7.64
N GLU A 84 0.53 17.40 -6.58
CA GLU A 84 0.60 16.58 -5.36
C GLU A 84 0.14 15.16 -5.60
N GLU A 85 -0.99 15.00 -6.27
CA GLU A 85 -1.53 13.67 -6.55
C GLU A 85 -0.57 12.84 -7.41
N ASP A 86 0.50 13.45 -7.88
CA ASP A 86 1.46 12.71 -8.71
C ASP A 86 2.48 11.93 -7.87
N ALA A 87 2.37 12.00 -6.56
CA ALA A 87 3.28 11.27 -5.69
C ALA A 87 2.92 9.80 -5.85
N ALA A 88 3.85 9.02 -6.38
CA ALA A 88 3.59 7.61 -6.59
C ALA A 88 4.85 6.97 -7.16
N THR A 89 4.73 5.72 -7.57
CA THR A 89 5.84 4.97 -8.16
C THR A 89 5.49 4.73 -9.62
N TYR A 90 6.45 4.88 -10.52
CA TYR A 90 6.21 4.69 -11.94
C TYR A 90 7.06 3.57 -12.52
N TYR A 91 6.45 2.74 -13.36
CA TYR A 91 7.15 1.61 -13.99
C TYR A 91 7.02 1.62 -15.51
N CYS A 92 8.08 1.26 -16.21
CA CYS A 92 8.00 1.15 -17.66
C CYS A 92 7.88 -0.35 -17.94
N GLN A 93 7.34 -0.69 -19.10
CA GLN A 93 7.16 -2.09 -19.48
C GLN A 93 7.21 -2.21 -21.00
N GLN A 94 7.96 -3.21 -21.46
CA GLN A 94 8.12 -3.46 -22.90
C GLN A 94 7.29 -4.65 -23.32
N SER A 95 6.77 -4.61 -24.55
CA SER A 95 5.96 -5.68 -25.09
C SER A 95 6.45 -6.07 -26.49
N ASN A 96 7.76 -5.95 -26.70
CA ASN A 96 8.34 -6.28 -27.99
C ASN A 96 8.62 -7.76 -28.12
N GLU A 97 9.19 -8.35 -27.07
CA GLU A 97 9.52 -9.77 -27.09
C GLU A 97 9.04 -10.47 -25.83
N ASP A 98 9.26 -11.78 -25.80
CA ASP A 98 8.88 -12.59 -24.66
C ASP A 98 10.17 -12.97 -23.93
N PRO A 99 10.14 -12.97 -22.60
CA PRO A 99 8.96 -12.63 -21.80
C PRO A 99 8.75 -11.11 -21.70
N ARG A 100 7.57 -10.72 -21.26
CA ARG A 100 7.27 -9.30 -21.09
C ARG A 100 8.01 -8.90 -19.81
N THR A 101 8.60 -7.71 -19.79
CA THR A 101 9.35 -7.28 -18.62
C THR A 101 9.06 -5.85 -18.20
N PHE A 102 9.27 -5.58 -16.91
CA PHE A 102 9.06 -4.26 -16.32
C PHE A 102 10.38 -3.70 -15.78
N GLY A 103 10.45 -2.38 -15.64
CA GLY A 103 11.63 -1.75 -15.09
C GLY A 103 11.51 -1.79 -13.58
N GLY A 104 12.61 -1.52 -12.88
CA GLY A 104 12.59 -1.56 -11.42
C GLY A 104 11.62 -0.60 -10.76
N GLY A 105 11.28 0.49 -11.45
CA GLY A 105 10.36 1.45 -10.88
C GLY A 105 11.09 2.65 -10.29
N THR A 106 10.39 3.79 -10.28
CA THR A 106 10.95 5.01 -9.74
C THR A 106 9.93 5.68 -8.84
N LYS A 107 10.31 5.93 -7.59
CA LYS A 107 9.42 6.56 -6.63
C LYS A 107 9.57 8.09 -6.73
N LEU A 108 8.46 8.78 -6.97
CA LEU A 108 8.48 10.24 -7.09
C LEU A 108 7.94 10.90 -5.82
N GLU A 109 8.70 11.86 -5.29
CA GLU A 109 8.28 12.59 -4.10
C GLU A 109 8.15 14.07 -4.42
N ILE A 110 7.15 14.71 -3.82
CA ILE A 110 6.92 16.13 -4.03
C ILE A 110 7.57 16.96 -2.93
N LYS A 111 8.30 18.00 -3.33
CA LYS A 111 8.97 18.88 -2.38
C LYS A 111 8.03 20.06 -2.16
N ARG A 112 7.69 20.33 -0.90
CA ARG A 112 6.84 21.45 -0.55
C ARG A 112 7.45 22.21 0.62
N ALA A 113 6.67 23.09 1.23
CA ALA A 113 7.14 23.89 2.36
C ALA A 113 7.06 23.11 3.66
N ASP A 114 7.98 23.39 4.58
CA ASP A 114 8.01 22.71 5.86
C ASP A 114 6.65 22.75 6.56
N ALA A 115 6.36 21.71 7.32
CA ALA A 115 5.11 21.61 8.06
C ALA A 115 5.37 20.89 9.38
N ALA A 116 5.05 21.54 10.49
CA ALA A 116 5.25 20.93 11.81
C ALA A 116 4.18 19.89 12.09
N PRO A 117 4.54 18.81 12.80
CA PRO A 117 3.57 17.76 13.11
C PRO A 117 2.57 18.10 14.19
N THR A 118 1.40 17.45 14.10
CA THR A 118 0.33 17.61 15.08
C THR A 118 0.47 16.33 15.90
N VAL A 119 0.75 16.47 17.20
CA VAL A 119 0.95 15.29 18.04
C VAL A 119 -0.19 14.92 18.98
N SER A 120 -0.56 13.63 18.96
CA SER A 120 -1.61 13.10 19.81
C SER A 120 -1.08 11.88 20.58
N ILE A 121 -1.40 11.81 21.87
CA ILE A 121 -0.96 10.67 22.67
C ILE A 121 -2.19 9.98 23.23
N PHE A 122 -2.19 8.65 23.17
CA PHE A 122 -3.32 7.86 23.66
C PHE A 122 -2.88 6.84 24.68
N PRO A 123 -3.55 6.82 25.85
CA PRO A 123 -3.19 5.85 26.88
C PRO A 123 -3.82 4.53 26.49
N PRO A 124 -3.45 3.43 27.16
CA PRO A 124 -4.05 2.14 26.80
C PRO A 124 -5.56 2.12 27.03
N SER A 125 -6.25 1.26 26.28
CA SER A 125 -7.70 1.13 26.44
C SER A 125 -7.96 0.11 27.53
N SER A 126 -9.06 0.30 28.28
CA SER A 126 -9.41 -0.61 29.35
C SER A 126 -9.50 -2.03 28.79
N GLU A 127 -10.02 -2.15 27.57
CA GLU A 127 -10.16 -3.46 26.94
C GLU A 127 -8.79 -4.13 26.88
N GLN A 128 -7.78 -3.41 26.38
CA GLN A 128 -6.45 -4.00 26.29
C GLN A 128 -5.86 -4.39 27.64
N LEU A 129 -6.05 -3.55 28.65
CA LEU A 129 -5.51 -3.84 29.97
C LEU A 129 -5.99 -5.15 30.59
N THR A 130 -7.24 -5.50 30.35
CA THR A 130 -7.80 -6.74 30.88
C THR A 130 -7.02 -7.93 30.35
N SER A 131 -6.42 -7.78 29.18
CA SER A 131 -5.66 -8.85 28.54
C SER A 131 -4.22 -8.98 29.05
N GLY A 132 -3.83 -8.11 29.98
CA GLY A 132 -2.48 -8.19 30.52
C GLY A 132 -1.38 -7.42 29.82
N GLY A 133 -1.70 -6.78 28.71
CA GLY A 133 -0.71 -6.02 27.97
C GLY A 133 -1.09 -4.54 27.95
N ALA A 134 -0.14 -3.68 27.61
CA ALA A 134 -0.40 -2.24 27.57
C ALA A 134 0.37 -1.54 26.46
N SER A 135 -0.36 -0.87 25.58
CA SER A 135 0.27 -0.15 24.48
C SER A 135 -0.09 1.33 24.51
N VAL A 136 0.93 2.18 24.57
CA VAL A 136 0.75 3.64 24.58
C VAL A 136 1.07 4.08 23.15
N VAL A 137 0.20 4.88 22.55
CA VAL A 137 0.38 5.32 21.16
C VAL A 137 0.48 6.83 20.92
N CYS A 138 1.38 7.23 20.03
CA CYS A 138 1.57 8.62 19.66
C CYS A 138 1.43 8.78 18.16
N PHE A 139 0.61 9.72 17.72
CA PHE A 139 0.46 9.98 16.29
C PHE A 139 1.15 11.30 15.98
N LEU A 140 1.94 11.30 14.91
CA LEU A 140 2.64 12.50 14.46
C LEU A 140 2.06 12.72 13.06
N ASN A 141 1.03 13.55 12.97
CA ASN A 141 0.34 13.79 11.71
C ASN A 141 0.70 15.02 10.88
N ASN A 142 0.57 14.83 9.57
CA ASN A 142 0.79 15.86 8.56
C ASN A 142 1.99 16.77 8.71
N PHE A 143 3.18 16.22 8.50
CA PHE A 143 4.39 17.02 8.61
C PHE A 143 5.26 16.86 7.37
N TYR A 144 6.24 17.75 7.25
CA TYR A 144 7.18 17.74 6.14
C TYR A 144 8.41 18.55 6.53
N PRO A 145 9.62 18.04 6.21
CA PRO A 145 9.93 16.78 5.53
C PRO A 145 9.65 15.53 6.38
N LYS A 146 9.81 14.35 5.77
CA LYS A 146 9.55 13.10 6.46
C LYS A 146 10.56 12.73 7.55
N ASP A 147 11.67 13.45 7.60
CA ASP A 147 12.70 13.20 8.59
C ASP A 147 12.18 13.55 9.98
N ILE A 148 12.11 12.54 10.84
CA ILE A 148 11.61 12.74 12.19
C ILE A 148 11.99 11.54 13.06
N ASN A 149 12.02 11.75 14.36
CA ASN A 149 12.30 10.68 15.30
C ASN A 149 11.56 10.90 16.61
N VAL A 150 11.20 9.82 17.26
CA VAL A 150 10.46 9.87 18.51
C VAL A 150 11.21 9.16 19.62
N LYS A 151 11.13 9.72 20.82
CA LYS A 151 11.76 9.16 21.99
C LYS A 151 10.65 8.99 23.02
N TRP A 152 10.66 7.87 23.74
CA TRP A 152 9.65 7.63 24.77
C TRP A 152 10.28 7.75 26.14
N LYS A 153 9.65 8.56 26.99
CA LYS A 153 10.14 8.79 28.34
C LYS A 153 9.08 8.34 29.34
N ILE A 154 9.47 7.44 30.22
CA ILE A 154 8.57 6.94 31.26
C ILE A 154 9.13 7.46 32.59
N ASP A 155 8.35 8.28 33.29
CA ASP A 155 8.79 8.86 34.55
C ASP A 155 10.14 9.53 34.34
N GLY A 156 10.23 10.35 33.31
CA GLY A 156 11.46 11.05 32.99
C GLY A 156 12.57 10.22 32.39
N SER A 157 12.38 8.90 32.35
CA SER A 157 13.42 8.01 31.80
C SER A 157 13.15 7.49 30.40
N GLU A 158 14.18 7.52 29.56
CA GLU A 158 14.08 7.05 28.18
C GLU A 158 13.93 5.53 28.05
N ARG A 159 13.06 5.12 27.13
CA ARG A 159 12.79 3.71 26.87
C ARG A 159 12.96 3.46 25.37
N GLN A 160 13.56 2.33 25.00
CA GLN A 160 13.80 2.00 23.59
C GLN A 160 13.25 0.67 23.12
N ASN A 161 13.18 -0.31 24.03
CA ASN A 161 12.68 -1.63 23.67
C ASN A 161 11.16 -1.69 23.70
N GLY A 162 10.57 -2.26 22.66
CA GLY A 162 9.13 -2.36 22.58
C GLY A 162 8.50 -1.18 21.87
N VAL A 163 9.28 -0.53 21.01
CA VAL A 163 8.83 0.63 20.25
C VAL A 163 8.72 0.28 18.76
N LEU A 164 7.52 0.40 18.19
CA LEU A 164 7.29 0.13 16.77
C LEU A 164 6.91 1.42 16.07
N ASN A 165 7.70 1.82 15.08
CA ASN A 165 7.41 3.04 14.34
C ASN A 165 7.03 2.76 12.90
N SER A 166 6.06 3.53 12.41
CA SER A 166 5.58 3.35 11.05
C SER A 166 5.19 4.67 10.38
N TRP A 167 5.74 4.91 9.19
CA TRP A 167 5.46 6.11 8.41
C TRP A 167 4.44 5.76 7.33
N THR A 168 3.69 6.76 6.88
CA THR A 168 2.73 6.56 5.79
C THR A 168 3.51 7.04 4.57
N ASP A 169 2.95 6.81 3.39
CA ASP A 169 3.58 7.28 2.16
C ASP A 169 3.11 8.73 2.04
N GLN A 170 3.70 9.50 1.13
CA GLN A 170 3.30 10.89 0.99
C GLN A 170 1.80 11.04 0.71
N ASP A 171 1.18 12.00 1.37
CA ASP A 171 -0.25 12.26 1.20
C ASP A 171 -0.53 12.71 -0.23
N SER A 172 -1.71 12.35 -0.75
CA SER A 172 -2.09 12.68 -2.12
C SER A 172 -2.67 14.06 -2.41
N LYS A 173 -3.12 14.78 -1.39
CA LYS A 173 -3.68 16.11 -1.60
C LYS A 173 -2.92 17.12 -0.76
N ASP A 174 -2.09 16.61 0.15
CA ASP A 174 -1.33 17.42 1.08
C ASP A 174 0.17 17.43 0.84
N SER A 175 0.69 16.28 0.42
CA SER A 175 2.11 16.10 0.17
C SER A 175 2.88 16.02 1.49
N THR A 176 2.16 15.84 2.60
CA THR A 176 2.78 15.72 3.92
C THR A 176 2.90 14.23 4.26
N TYR A 177 3.59 13.94 5.35
CA TYR A 177 3.76 12.58 5.81
C TYR A 177 3.16 12.48 7.21
N SER A 178 2.96 11.25 7.67
CA SER A 178 2.42 11.01 9.00
C SER A 178 3.13 9.78 9.52
N MET A 179 3.15 9.60 10.84
CA MET A 179 3.79 8.44 11.43
C MET A 179 3.25 8.13 12.82
N SER A 180 3.35 6.87 13.20
CA SER A 180 2.87 6.46 14.50
C SER A 180 3.90 5.63 15.23
N SER A 181 4.09 5.96 16.51
CA SER A 181 5.02 5.28 17.38
C SER A 181 4.17 4.58 18.44
N THR A 182 4.39 3.29 18.63
CA THR A 182 3.65 2.49 19.60
C THR A 182 4.60 1.88 20.60
N LEU A 183 4.36 2.16 21.89
CA LEU A 183 5.20 1.62 22.94
C LEU A 183 4.43 0.56 23.70
N THR A 184 4.90 -0.68 23.66
CA THR A 184 4.21 -1.76 24.34
C THR A 184 4.93 -2.34 25.56
N LEU A 185 4.19 -2.39 26.67
CA LEU A 185 4.72 -2.92 27.94
C LEU A 185 3.69 -3.88 28.50
N THR A 186 4.06 -4.62 29.54
CA THR A 186 3.14 -5.55 30.19
C THR A 186 2.30 -4.70 31.12
N LYS A 187 1.14 -5.20 31.52
CA LYS A 187 0.25 -4.45 32.41
C LYS A 187 0.92 -4.04 33.72
N ASP A 188 1.77 -4.89 34.27
CA ASP A 188 2.45 -4.60 35.54
C ASP A 188 3.50 -3.51 35.43
N GLU A 189 4.16 -3.44 34.27
CA GLU A 189 5.18 -2.44 34.02
C GLU A 189 4.49 -1.08 33.94
N TYR A 190 3.42 -1.04 33.15
CA TYR A 190 2.64 0.18 32.93
C TYR A 190 2.04 0.74 34.22
N GLU A 191 1.61 -0.14 35.11
CA GLU A 191 0.99 0.26 36.35
C GLU A 191 1.93 0.72 37.46
N ARG A 192 3.23 0.55 37.26
CA ARG A 192 4.18 0.97 38.28
C ARG A 192 4.70 2.38 38.00
N HIS A 193 4.46 2.87 36.78
CA HIS A 193 4.91 4.20 36.38
C HIS A 193 3.71 5.12 36.23
N ASN A 194 3.93 6.42 36.28
CA ASN A 194 2.82 7.37 36.16
C ASN A 194 2.91 8.33 34.98
N SER A 195 4.14 8.74 34.63
CA SER A 195 4.31 9.69 33.54
C SER A 195 4.79 9.07 32.23
N TYR A 196 3.96 9.17 31.19
CA TYR A 196 4.30 8.65 29.86
C TYR A 196 4.42 9.79 28.88
N THR A 197 5.60 9.93 28.31
CA THR A 197 5.89 11.01 27.39
C THR A 197 6.49 10.55 26.06
N CYS A 198 6.13 11.26 25.00
CA CYS A 198 6.65 10.97 23.69
C CYS A 198 7.05 12.32 23.12
N GLU A 199 8.33 12.50 22.82
CA GLU A 199 8.81 13.76 22.28
C GLU A 199 9.42 13.56 20.91
N ALA A 200 8.99 14.40 19.98
CA ALA A 200 9.45 14.34 18.60
C ALA A 200 10.50 15.36 18.22
N THR A 201 11.44 14.95 17.36
CA THR A 201 12.48 15.83 16.88
C THR A 201 12.27 16.02 15.38
N HIS A 202 11.91 17.24 15.00
CA HIS A 202 11.65 17.61 13.61
C HIS A 202 12.38 18.93 13.36
N LYS A 203 12.80 19.15 12.12
CA LYS A 203 13.53 20.37 11.76
C LYS A 203 12.79 21.69 11.98
N THR A 204 11.47 21.63 12.01
CA THR A 204 10.67 22.83 12.22
C THR A 204 10.74 23.33 13.66
N SER A 205 11.63 22.75 14.45
CA SER A 205 11.76 23.13 15.85
C SER A 205 13.15 22.86 16.40
N THR A 206 13.68 23.80 17.18
CA THR A 206 15.00 23.65 17.77
C THR A 206 14.93 22.74 18.99
N SER A 207 13.83 22.83 19.72
CA SER A 207 13.62 22.01 20.90
C SER A 207 12.54 20.98 20.61
N PRO A 208 12.61 19.81 21.25
CA PRO A 208 11.62 18.74 21.04
C PRO A 208 10.18 19.13 21.26
N ILE A 209 9.29 18.40 20.59
CA ILE A 209 7.85 18.60 20.73
C ILE A 209 7.47 17.51 21.72
N VAL A 210 6.94 17.91 22.87
CA VAL A 210 6.56 16.98 23.91
C VAL A 210 5.05 16.83 24.04
N LYS A 211 4.61 15.62 24.30
CA LYS A 211 3.20 15.31 24.49
C LYS A 211 3.18 14.20 25.52
N SER A 212 2.45 14.39 26.61
CA SER A 212 2.41 13.36 27.63
C SER A 212 1.11 13.31 28.41
N PHE A 213 1.00 12.31 29.26
CA PHE A 213 -0.16 12.12 30.10
C PHE A 213 0.27 11.39 31.37
N ASN A 214 -0.53 11.50 32.42
CA ASN A 214 -0.22 10.85 33.68
C ASN A 214 -1.29 9.85 34.03
N ARG A 215 -0.86 8.64 34.39
CA ARG A 215 -1.79 7.59 34.76
C ARG A 215 -2.65 8.03 35.94
N GLN B 1 -19.61 -1.32 -15.88
CA GLN B 1 -18.34 -1.04 -15.17
C GLN B 1 -17.40 -2.25 -15.27
N VAL B 2 -16.28 -2.07 -15.98
CA VAL B 2 -15.31 -3.16 -16.14
C VAL B 2 -14.66 -3.48 -14.79
N GLN B 3 -14.68 -4.76 -14.44
CA GLN B 3 -14.14 -5.18 -13.15
C GLN B 3 -13.47 -6.55 -13.12
N LEU B 4 -12.37 -6.65 -12.38
CA LEU B 4 -11.63 -7.89 -12.21
C LEU B 4 -11.48 -8.06 -10.70
N GLN B 5 -12.21 -9.02 -10.13
CA GLN B 5 -12.18 -9.23 -8.69
C GLN B 5 -11.40 -10.45 -8.24
N GLN B 6 -10.58 -10.27 -7.21
CA GLN B 6 -9.76 -11.33 -6.65
C GLN B 6 -9.88 -11.40 -5.13
N PRO B 7 -9.78 -12.61 -4.56
CA PRO B 7 -9.89 -12.68 -3.10
C PRO B 7 -8.70 -11.98 -2.43
N GLY B 8 -8.96 -11.34 -1.30
CA GLY B 8 -7.93 -10.61 -0.59
C GLY B 8 -6.65 -11.35 -0.20
N ALA B 9 -6.75 -12.57 0.30
CA ALA B 9 -5.55 -13.28 0.69
C ALA B 9 -5.63 -14.79 0.72
N GLU B 10 -4.45 -15.42 0.76
CA GLU B 10 -4.30 -16.85 0.83
C GLU B 10 -3.08 -17.14 1.70
N LEU B 11 -3.27 -18.00 2.70
CA LEU B 11 -2.20 -18.42 3.59
C LEU B 11 -1.93 -19.87 3.21
N VAL B 12 -0.71 -20.16 2.79
CA VAL B 12 -0.37 -21.52 2.38
C VAL B 12 0.88 -22.06 3.07
N LYS B 13 0.89 -23.38 3.25
CA LYS B 13 2.01 -24.06 3.89
C LYS B 13 3.10 -24.26 2.85
N PRO B 14 4.38 -24.17 3.26
CA PRO B 14 5.45 -24.37 2.29
C PRO B 14 5.30 -25.76 1.67
N GLY B 15 5.65 -25.89 0.40
CA GLY B 15 5.55 -27.18 -0.25
C GLY B 15 4.15 -27.51 -0.77
N ALA B 16 3.17 -26.67 -0.46
CA ALA B 16 1.80 -26.89 -0.91
C ALA B 16 1.51 -26.06 -2.16
N SER B 17 0.24 -25.86 -2.47
CA SER B 17 -0.13 -25.10 -3.65
C SER B 17 -1.46 -24.38 -3.53
N VAL B 18 -1.75 -23.48 -4.46
CA VAL B 18 -3.01 -22.74 -4.44
C VAL B 18 -3.57 -22.41 -5.81
N LYS B 19 -4.87 -22.19 -5.83
CA LYS B 19 -5.57 -21.84 -7.06
C LYS B 19 -6.13 -20.45 -6.86
N LEU B 20 -5.51 -19.47 -7.48
CA LEU B 20 -5.97 -18.09 -7.39
C LEU B 20 -7.07 -17.88 -8.41
N SER B 21 -8.12 -17.16 -8.03
CA SER B 21 -9.23 -16.89 -8.92
C SER B 21 -9.31 -15.41 -9.25
N CYS B 22 -9.90 -15.11 -10.39
CA CYS B 22 -10.05 -13.73 -10.87
C CYS B 22 -11.32 -13.64 -11.70
N LYS B 23 -12.38 -13.10 -11.09
CA LYS B 23 -13.67 -12.98 -11.76
C LYS B 23 -13.82 -11.70 -12.56
N ALA B 24 -14.17 -11.84 -13.83
CA ALA B 24 -14.35 -10.71 -14.73
C ALA B 24 -15.82 -10.34 -14.87
N SER B 25 -16.06 -9.08 -15.24
CA SER B 25 -17.42 -8.59 -15.42
C SER B 25 -17.39 -7.25 -16.16
N GLY B 26 -18.49 -6.91 -16.81
CA GLY B 26 -18.56 -5.65 -17.54
C GLY B 26 -18.03 -5.69 -18.96
N TYR B 27 -17.65 -6.87 -19.44
CA TYR B 27 -17.15 -7.00 -20.80
C TYR B 27 -17.16 -8.44 -21.32
N THR B 28 -17.03 -8.58 -22.63
CA THR B 28 -17.03 -9.90 -23.27
C THR B 28 -15.73 -10.61 -22.89
N PHE B 29 -15.84 -11.45 -21.87
CA PHE B 29 -14.71 -12.22 -21.34
C PHE B 29 -13.77 -12.81 -22.39
N THR B 30 -14.31 -13.56 -23.35
CA THR B 30 -13.49 -14.21 -24.36
C THR B 30 -12.86 -13.26 -25.37
N SER B 31 -13.30 -12.01 -25.37
CA SER B 31 -12.81 -11.00 -26.30
C SER B 31 -11.42 -10.45 -26.02
N TYR B 32 -10.83 -10.81 -24.89
CA TYR B 32 -9.49 -10.33 -24.52
C TYR B 32 -8.64 -11.34 -23.75
N TRP B 33 -7.32 -11.26 -23.94
CA TRP B 33 -6.41 -12.16 -23.25
C TRP B 33 -6.29 -11.75 -21.77
N MET B 34 -5.98 -12.73 -20.92
CA MET B 34 -5.83 -12.47 -19.48
C MET B 34 -4.37 -12.61 -19.05
N GLN B 35 -3.89 -11.61 -18.33
CA GLN B 35 -2.51 -11.59 -17.85
C GLN B 35 -2.40 -11.78 -16.35
N TRP B 36 -1.27 -12.36 -15.92
CA TRP B 36 -1.02 -12.59 -14.51
C TRP B 36 0.33 -11.99 -14.17
N VAL B 37 0.35 -11.13 -13.16
CA VAL B 37 1.59 -10.49 -12.75
C VAL B 37 1.86 -10.70 -11.28
N LYS B 38 3.15 -10.78 -10.95
CA LYS B 38 3.59 -11.00 -9.57
C LYS B 38 4.34 -9.77 -9.06
N GLN B 39 4.01 -9.35 -7.84
CA GLN B 39 4.65 -8.20 -7.24
C GLN B 39 5.18 -8.47 -5.83
N ARG B 40 6.49 -8.40 -5.69
CA ARG B 40 7.15 -8.61 -4.41
C ARG B 40 7.61 -7.22 -3.96
N PRO B 41 7.40 -6.87 -2.69
CA PRO B 41 7.82 -5.55 -2.19
C PRO B 41 9.30 -5.27 -2.44
N GLY B 42 9.58 -4.13 -3.09
CA GLY B 42 10.95 -3.76 -3.38
C GLY B 42 11.47 -4.33 -4.69
N GLN B 43 11.01 -5.53 -5.04
CA GLN B 43 11.43 -6.18 -6.28
C GLN B 43 10.76 -5.51 -7.48
N GLY B 44 9.46 -5.28 -7.37
CA GLY B 44 8.73 -4.67 -8.46
C GLY B 44 7.72 -5.62 -9.07
N LEU B 45 7.42 -5.43 -10.35
CA LEU B 45 6.45 -6.27 -11.05
C LEU B 45 7.12 -7.32 -11.94
N GLU B 46 6.50 -8.50 -12.01
CA GLU B 46 7.01 -9.60 -12.83
C GLU B 46 5.85 -10.27 -13.58
N TRP B 47 6.04 -10.50 -14.88
CA TRP B 47 5.00 -11.13 -15.71
C TRP B 47 5.09 -12.66 -15.65
N ILE B 48 3.97 -13.30 -15.32
CA ILE B 48 3.94 -14.76 -15.20
C ILE B 48 3.55 -15.47 -16.50
N GLY B 49 2.48 -15.03 -17.15
CA GLY B 49 2.05 -15.64 -18.38
C GLY B 49 0.70 -15.09 -18.79
N GLU B 50 0.21 -15.55 -19.93
CA GLU B 50 -1.08 -15.09 -20.44
C GLU B 50 -1.87 -16.28 -20.98
N ILE B 51 -3.17 -16.09 -21.12
CA ILE B 51 -4.04 -17.12 -21.65
C ILE B 51 -5.17 -16.50 -22.44
N ASP B 52 -5.49 -17.10 -23.59
CA ASP B 52 -6.59 -16.64 -24.43
C ASP B 52 -7.79 -17.45 -23.97
N PRO B 53 -8.81 -16.79 -23.40
CA PRO B 53 -10.00 -17.51 -22.91
C PRO B 53 -10.84 -18.20 -23.98
N SER B 54 -10.76 -17.72 -25.23
CA SER B 54 -11.55 -18.32 -26.30
C SER B 54 -11.15 -19.76 -26.61
N ASP B 55 -9.85 -20.06 -26.56
CA ASP B 55 -9.39 -21.42 -26.84
C ASP B 55 -8.45 -21.99 -25.79
N SER B 56 -8.22 -21.23 -24.72
CA SER B 56 -7.35 -21.66 -23.62
C SER B 56 -5.88 -21.75 -23.99
N TYR B 57 -5.48 -21.03 -25.03
CA TYR B 57 -4.08 -21.04 -25.45
C TYR B 57 -3.27 -20.27 -24.40
N THR B 58 -2.20 -20.88 -23.91
CA THR B 58 -1.37 -20.22 -22.91
C THR B 58 0.03 -19.89 -23.41
N ASN B 59 0.66 -18.94 -22.74
CA ASN B 59 2.01 -18.49 -23.05
C ASN B 59 2.63 -18.19 -21.69
N TYR B 60 3.75 -18.81 -21.38
CA TYR B 60 4.38 -18.62 -20.08
C TYR B 60 5.74 -17.94 -20.11
N ASN B 61 6.11 -17.40 -18.97
CA ASN B 61 7.42 -16.80 -18.83
C ASN B 61 8.27 -18.01 -18.44
N GLN B 62 9.30 -18.29 -19.23
CA GLN B 62 10.19 -19.43 -18.99
C GLN B 62 10.42 -19.68 -17.49
N LYS B 63 10.70 -18.59 -16.78
CA LYS B 63 10.96 -18.62 -15.34
C LYS B 63 9.87 -19.28 -14.51
N PHE B 64 8.64 -19.26 -15.00
CA PHE B 64 7.52 -19.83 -14.26
C PHE B 64 6.92 -21.09 -14.87
N LYS B 65 7.54 -21.57 -15.94
CA LYS B 65 7.08 -22.78 -16.62
C LYS B 65 7.27 -23.96 -15.68
N GLY B 66 6.18 -24.51 -15.17
CA GLY B 66 6.28 -25.63 -14.27
C GLY B 66 5.98 -25.23 -12.83
N LYS B 67 5.65 -23.96 -12.64
CA LYS B 67 5.34 -23.45 -11.33
C LYS B 67 3.91 -22.93 -11.36
N ALA B 68 3.52 -22.38 -12.51
CA ALA B 68 2.18 -21.83 -12.67
C ALA B 68 1.41 -22.46 -13.83
N THR B 69 0.14 -22.74 -13.59
CA THR B 69 -0.75 -23.32 -14.60
C THR B 69 -1.95 -22.39 -14.72
N LEU B 70 -2.24 -21.96 -15.95
CA LEU B 70 -3.38 -21.05 -16.19
C LEU B 70 -4.55 -21.76 -16.87
N THR B 71 -5.75 -21.47 -16.39
CA THR B 71 -6.97 -22.03 -16.97
C THR B 71 -8.06 -20.98 -16.85
N VAL B 72 -9.20 -21.22 -17.50
CA VAL B 72 -10.32 -20.29 -17.42
C VAL B 72 -11.62 -21.05 -17.51
N ASP B 73 -12.70 -20.41 -17.07
CA ASP B 73 -14.02 -20.99 -17.13
C ASP B 73 -14.92 -20.01 -17.84
N THR B 74 -14.98 -20.13 -19.16
CA THR B 74 -15.78 -19.26 -19.99
C THR B 74 -17.25 -19.26 -19.61
N SER B 75 -17.67 -20.24 -18.83
CA SER B 75 -19.06 -20.31 -18.40
C SER B 75 -19.32 -19.31 -17.28
N SER B 76 -18.41 -19.22 -16.32
CA SER B 76 -18.57 -18.28 -15.21
C SER B 76 -17.73 -17.01 -15.32
N SER B 77 -17.00 -16.86 -16.43
CA SER B 77 -16.17 -15.68 -16.66
C SER B 77 -15.06 -15.55 -15.63
N THR B 78 -14.49 -16.67 -15.24
CA THR B 78 -13.41 -16.69 -14.25
C THR B 78 -12.13 -17.23 -14.87
N ALA B 79 -11.01 -16.65 -14.47
CA ALA B 79 -9.69 -17.08 -14.94
C ALA B 79 -8.99 -17.64 -13.70
N TYR B 80 -8.11 -18.61 -13.90
CA TYR B 80 -7.42 -19.21 -12.76
C TYR B 80 -5.93 -19.39 -12.97
N MET B 81 -5.22 -19.46 -11.85
CA MET B 81 -3.79 -19.69 -11.87
C MET B 81 -3.46 -20.55 -10.66
N GLN B 82 -2.82 -21.67 -10.91
CA GLN B 82 -2.42 -22.56 -9.85
C GLN B 82 -0.92 -22.38 -9.66
N LEU B 83 -0.47 -22.29 -8.43
CA LEU B 83 0.95 -22.14 -8.13
C LEU B 83 1.27 -23.39 -7.33
N SER B 84 2.30 -24.13 -7.75
CA SER B 84 2.65 -25.38 -7.08
C SER B 84 3.98 -25.38 -6.34
N SER B 85 4.07 -26.25 -5.35
CA SER B 85 5.26 -26.40 -4.52
C SER B 85 5.80 -25.05 -4.07
N LEU B 86 4.94 -24.28 -3.41
CA LEU B 86 5.28 -22.94 -2.93
C LEU B 86 6.39 -22.88 -1.89
N THR B 87 7.19 -21.82 -1.98
CA THR B 87 8.31 -21.56 -1.08
C THR B 87 8.18 -20.11 -0.60
N SER B 88 8.91 -19.77 0.46
CA SER B 88 8.87 -18.41 0.99
C SER B 88 9.01 -17.37 -0.11
N GLU B 89 9.87 -17.64 -1.08
CA GLU B 89 10.11 -16.72 -2.18
C GLU B 89 8.85 -16.48 -3.03
N ASP B 90 7.84 -17.33 -2.87
CA ASP B 90 6.60 -17.18 -3.63
C ASP B 90 5.60 -16.24 -2.96
N SER B 91 5.93 -15.77 -1.77
CA SER B 91 5.05 -14.84 -1.05
C SER B 91 4.99 -13.53 -1.82
N ALA B 92 3.78 -13.05 -2.12
CA ALA B 92 3.65 -11.81 -2.86
C ALA B 92 2.19 -11.47 -3.14
N VAL B 93 2.00 -10.40 -3.92
CA VAL B 93 0.68 -9.96 -4.33
C VAL B 93 0.58 -10.38 -5.79
N TYR B 94 -0.49 -11.09 -6.14
CA TYR B 94 -0.68 -11.57 -7.50
C TYR B 94 -1.84 -10.88 -8.21
N TYR B 95 -1.56 -10.29 -9.37
CA TYR B 95 -2.58 -9.58 -10.14
C TYR B 95 -2.96 -10.25 -11.45
N CYS B 96 -4.23 -10.14 -11.80
CA CYS B 96 -4.71 -10.66 -13.07
C CYS B 96 -5.02 -9.34 -13.78
N ALA B 97 -4.73 -9.25 -15.07
CA ALA B 97 -4.97 -8.01 -15.79
C ALA B 97 -5.43 -8.24 -17.21
N ARG B 98 -6.31 -7.37 -17.69
CA ARG B 98 -6.82 -7.48 -19.05
C ARG B 98 -5.81 -6.94 -20.05
N ASN B 99 -5.63 -7.67 -21.14
CA ASN B 99 -4.70 -7.27 -22.18
C ASN B 99 -5.44 -6.54 -23.29
N ARG B 100 -4.70 -5.71 -24.01
CA ARG B 100 -5.26 -4.97 -25.12
C ARG B 100 -4.20 -4.88 -26.20
N ASP B 101 -4.65 -4.90 -27.46
CA ASP B 101 -3.74 -4.85 -28.59
C ASP B 101 -3.86 -3.54 -29.35
N TYR B 102 -2.73 -2.86 -29.51
CA TYR B 102 -2.69 -1.60 -30.26
C TYR B 102 -1.55 -1.71 -31.25
N SER B 103 -1.87 -1.89 -32.52
CA SER B 103 -0.85 -2.00 -33.56
C SER B 103 0.19 -3.06 -33.18
N ASN B 104 -0.28 -4.20 -32.67
CA ASN B 104 0.60 -5.30 -32.28
C ASN B 104 1.25 -5.09 -30.91
N ASN B 105 1.12 -3.89 -30.35
CA ASN B 105 1.70 -3.60 -29.05
C ASN B 105 0.70 -3.94 -27.95
N TRP B 106 1.09 -4.83 -27.05
CA TRP B 106 0.23 -5.25 -25.96
C TRP B 106 0.48 -4.50 -24.67
N TYR B 107 -0.61 -4.06 -24.03
CA TYR B 107 -0.55 -3.33 -22.77
C TYR B 107 -1.77 -3.75 -21.93
N PHE B 108 -1.66 -3.63 -20.61
CA PHE B 108 -2.75 -4.02 -19.71
C PHE B 108 -3.50 -2.78 -19.21
N ASP B 109 -4.78 -2.68 -19.58
CA ASP B 109 -5.56 -1.50 -19.19
C ASP B 109 -6.43 -1.55 -17.94
N VAL B 110 -6.76 -2.76 -17.48
CA VAL B 110 -7.55 -2.92 -16.26
C VAL B 110 -6.86 -3.96 -15.39
N TRP B 111 -6.68 -3.65 -14.10
CA TRP B 111 -6.02 -4.57 -13.19
C TRP B 111 -6.96 -5.03 -12.09
N GLY B 112 -6.71 -6.24 -11.59
CA GLY B 112 -7.53 -6.78 -10.51
C GLY B 112 -7.11 -6.19 -9.19
N THR B 113 -7.93 -6.38 -8.17
CA THR B 113 -7.65 -5.86 -6.84
C THR B 113 -6.42 -6.49 -6.20
N GLY B 114 -5.97 -7.62 -6.74
CA GLY B 114 -4.79 -8.29 -6.21
C GLY B 114 -5.04 -9.23 -5.05
N THR B 115 -4.24 -10.28 -4.95
CA THR B 115 -4.37 -11.26 -3.88
C THR B 115 -3.06 -11.42 -3.12
N THR B 116 -3.10 -11.19 -1.82
CA THR B 116 -1.91 -11.33 -1.00
C THR B 116 -1.73 -12.77 -0.60
N VAL B 117 -0.68 -13.41 -1.11
CA VAL B 117 -0.38 -14.80 -0.82
C VAL B 117 0.82 -14.87 0.12
N THR B 118 0.65 -15.60 1.21
CA THR B 118 1.71 -15.76 2.20
C THR B 118 2.04 -17.24 2.40
N VAL B 119 3.32 -17.59 2.25
CA VAL B 119 3.77 -18.97 2.44
C VAL B 119 4.41 -19.03 3.82
N SER B 120 3.84 -19.86 4.70
CA SER B 120 4.34 -19.98 6.06
C SER B 120 3.68 -21.15 6.78
N SER B 121 4.39 -21.71 7.76
CA SER B 121 3.85 -22.83 8.53
C SER B 121 3.06 -22.25 9.70
N ALA B 122 3.19 -20.94 9.87
CA ALA B 122 2.50 -20.21 10.92
C ALA B 122 0.99 -20.27 10.71
N LYS B 123 0.25 -20.21 11.81
CA LYS B 123 -1.20 -20.28 11.77
C LYS B 123 -1.86 -18.90 11.75
N THR B 124 -3.06 -18.87 11.19
CA THR B 124 -3.83 -17.64 11.11
C THR B 124 -4.18 -17.13 12.49
N THR B 125 -4.03 -15.82 12.68
CA THR B 125 -4.30 -15.19 13.96
C THR B 125 -5.14 -13.93 13.77
N PRO B 126 -6.40 -13.95 14.21
CA PRO B 126 -7.21 -12.73 14.02
C PRO B 126 -6.62 -11.60 14.86
N PRO B 127 -6.84 -10.35 14.44
CA PRO B 127 -6.29 -9.22 15.18
C PRO B 127 -7.08 -8.90 16.44
N SER B 128 -6.44 -8.16 17.34
CA SER B 128 -7.10 -7.70 18.56
C SER B 128 -7.24 -6.21 18.22
N VAL B 129 -8.46 -5.72 18.25
CA VAL B 129 -8.73 -4.32 17.92
C VAL B 129 -9.07 -3.50 19.16
N TYR B 130 -8.38 -2.38 19.32
CA TYR B 130 -8.60 -1.52 20.47
C TYR B 130 -8.82 -0.08 20.05
N PRO B 131 -9.76 0.61 20.73
CA PRO B 131 -10.05 2.00 20.42
C PRO B 131 -9.08 2.95 21.10
N LEU B 132 -8.66 3.98 20.38
CA LEU B 132 -7.74 4.97 20.91
C LEU B 132 -8.46 6.31 21.04
N ALA B 133 -8.90 6.62 22.26
CA ALA B 133 -9.60 7.87 22.50
C ALA B 133 -8.65 8.83 23.20
N PRO B 134 -8.71 10.12 22.86
CA PRO B 134 -7.84 11.13 23.47
C PRO B 134 -8.02 11.19 24.98
N GLY B 135 -9.20 11.60 25.41
CA GLY B 135 -9.51 11.70 26.83
C GLY B 135 -8.84 12.84 27.56
N SER B 136 -8.67 13.98 26.89
CA SER B 136 -8.06 15.16 27.51
C SER B 136 -7.88 16.31 26.52
N ALA B 137 -7.76 17.52 27.07
CA ALA B 137 -7.58 18.72 26.27
C ALA B 137 -7.67 19.97 27.16
N ALA B 138 -7.51 21.14 26.52
CA ALA B 138 -7.57 22.42 27.22
C ALA B 138 -8.31 23.39 26.32
N GLN B 139 -9.27 22.87 25.55
CA GLN B 139 -10.05 23.68 24.63
C GLN B 139 -9.09 24.43 23.71
N THR B 140 -7.98 23.77 23.37
CA THR B 140 -6.95 24.36 22.53
C THR B 140 -7.03 23.96 21.05
N ASN B 141 -8.06 23.21 20.67
CA ASN B 141 -8.21 22.79 19.27
C ASN B 141 -9.66 22.63 18.81
N SER B 142 -9.84 22.71 17.49
CA SER B 142 -11.16 22.57 16.87
C SER B 142 -11.35 21.18 16.28
N MET B 143 -10.24 20.50 16.06
CA MET B 143 -10.27 19.14 15.51
C MET B 143 -9.79 18.16 16.57
N VAL B 144 -10.26 16.92 16.48
CA VAL B 144 -9.86 15.88 17.41
C VAL B 144 -9.43 14.67 16.62
N THR B 145 -8.35 14.05 17.06
CA THR B 145 -7.83 12.86 16.39
C THR B 145 -8.13 11.62 17.22
N LEU B 146 -8.79 10.65 16.59
CA LEU B 146 -9.13 9.40 17.24
C LEU B 146 -8.35 8.32 16.49
N GLY B 147 -8.25 7.14 17.07
CA GLY B 147 -7.50 6.09 16.40
C GLY B 147 -7.99 4.71 16.76
N CYS B 148 -7.39 3.71 16.11
CA CYS B 148 -7.72 2.31 16.34
C CYS B 148 -6.44 1.49 16.24
N LEU B 149 -6.24 0.61 17.22
CA LEU B 149 -5.07 -0.24 17.22
C LEU B 149 -5.46 -1.65 16.81
N VAL B 150 -4.85 -2.14 15.74
CA VAL B 150 -5.09 -3.49 15.22
C VAL B 150 -3.81 -4.25 15.50
N LYS B 151 -3.82 -5.08 16.54
CA LYS B 151 -2.60 -5.77 16.91
C LYS B 151 -2.59 -7.29 17.03
N GLY B 152 -1.44 -7.85 16.72
CA GLY B 152 -1.24 -9.29 16.79
C GLY B 152 -2.04 -10.11 15.80
N TYR B 153 -1.86 -9.83 14.52
CA TYR B 153 -2.58 -10.59 13.51
C TYR B 153 -1.63 -11.19 12.47
N PHE B 154 -2.11 -12.20 11.77
CA PHE B 154 -1.32 -12.87 10.73
C PHE B 154 -2.27 -13.69 9.89
N PRO B 155 -2.13 -13.60 8.55
CA PRO B 155 -1.15 -12.77 7.85
C PRO B 155 -1.77 -11.48 7.34
N GLU B 156 -1.02 -10.78 6.50
CA GLU B 156 -1.53 -9.54 5.91
C GLU B 156 -2.56 -9.94 4.86
N PRO B 157 -3.50 -9.03 4.52
CA PRO B 157 -3.68 -7.67 5.04
C PRO B 157 -4.92 -7.57 5.92
N VAL B 158 -5.24 -6.35 6.35
CA VAL B 158 -6.43 -6.07 7.12
C VAL B 158 -6.99 -4.81 6.47
N THR B 159 -8.30 -4.63 6.54
CA THR B 159 -8.91 -3.45 5.95
C THR B 159 -9.56 -2.64 7.06
N VAL B 160 -9.21 -1.36 7.13
CA VAL B 160 -9.75 -0.47 8.14
C VAL B 160 -10.51 0.69 7.51
N THR B 161 -11.76 0.86 7.89
CA THR B 161 -12.58 1.97 7.41
C THR B 161 -13.23 2.58 8.64
N TRP B 162 -13.70 3.82 8.51
CA TRP B 162 -14.32 4.50 9.62
C TRP B 162 -15.78 4.77 9.30
N ASN B 163 -16.67 4.28 10.15
CA ASN B 163 -18.10 4.42 9.94
C ASN B 163 -18.41 3.83 8.55
N SER B 164 -18.00 2.57 8.38
CA SER B 164 -18.22 1.84 7.13
C SER B 164 -17.79 2.61 5.88
N GLY B 165 -16.92 3.60 6.06
CA GLY B 165 -16.45 4.36 4.92
C GLY B 165 -17.05 5.75 4.77
N SER B 166 -18.03 6.07 5.60
CA SER B 166 -18.68 7.38 5.55
C SER B 166 -17.68 8.47 5.88
N LEU B 167 -16.66 8.11 6.66
CA LEU B 167 -15.60 9.05 7.04
C LEU B 167 -14.39 8.68 6.21
N SER B 168 -14.02 9.54 5.26
CA SER B 168 -12.87 9.27 4.41
C SER B 168 -11.86 10.40 4.47
N SER B 169 -12.31 11.58 4.90
CA SER B 169 -11.42 12.72 5.00
C SER B 169 -10.73 12.74 6.36
N GLY B 170 -9.44 13.03 6.35
CA GLY B 170 -8.68 13.06 7.59
C GLY B 170 -8.45 11.66 8.13
N VAL B 171 -8.24 10.71 7.24
CA VAL B 171 -8.01 9.34 7.63
C VAL B 171 -6.62 8.88 7.20
N HIS B 172 -5.87 8.30 8.13
CA HIS B 172 -4.51 7.81 7.86
C HIS B 172 -4.37 6.38 8.36
N THR B 173 -3.89 5.50 7.50
CA THR B 173 -3.67 4.13 7.90
C THR B 173 -2.20 3.80 7.69
N PHE B 174 -1.53 3.47 8.78
CA PHE B 174 -0.10 3.17 8.78
C PHE B 174 0.26 1.74 8.42
N PRO B 175 1.21 1.55 7.48
CA PRO B 175 1.61 0.20 7.07
C PRO B 175 1.95 -0.65 8.30
N ALA B 176 1.58 -1.92 8.25
CA ALA B 176 1.82 -2.84 9.35
C ALA B 176 3.30 -3.12 9.58
N VAL B 177 3.65 -3.37 10.84
CA VAL B 177 5.01 -3.70 11.21
C VAL B 177 4.95 -5.07 11.84
N LEU B 178 5.88 -5.94 11.45
CA LEU B 178 5.91 -7.30 11.96
C LEU B 178 6.89 -7.46 13.11
N GLN B 179 6.41 -8.02 14.22
CA GLN B 179 7.26 -8.25 15.38
C GLN B 179 6.86 -9.53 16.10
N SER B 180 7.74 -10.53 16.03
CA SER B 180 7.52 -11.82 16.65
C SER B 180 6.46 -12.65 15.92
N ASP B 181 6.58 -12.69 14.60
CA ASP B 181 5.67 -13.45 13.74
C ASP B 181 4.21 -12.96 13.76
N LEU B 182 4.00 -11.71 14.18
CA LEU B 182 2.66 -11.13 14.24
C LEU B 182 2.73 -9.66 13.79
N TYR B 183 1.73 -9.22 13.04
CA TYR B 183 1.66 -7.85 12.55
C TYR B 183 0.85 -6.93 13.44
N THR B 184 1.25 -5.66 13.49
CA THR B 184 0.54 -4.65 14.27
C THR B 184 0.42 -3.43 13.37
N LEU B 185 -0.77 -2.83 13.38
CA LEU B 185 -1.06 -1.68 12.55
C LEU B 185 -2.00 -0.74 13.30
N SER B 186 -2.05 0.52 12.89
CA SER B 186 -2.94 1.48 13.51
C SER B 186 -3.53 2.42 12.46
N SER B 187 -4.64 3.07 12.81
CA SER B 187 -5.30 4.01 11.90
C SER B 187 -5.82 5.20 12.69
N SER B 188 -5.84 6.36 12.04
CA SER B 188 -6.32 7.55 12.71
C SER B 188 -7.32 8.31 11.84
N VAL B 189 -8.18 9.07 12.49
CA VAL B 189 -9.19 9.86 11.80
C VAL B 189 -9.35 11.16 12.61
N THR B 190 -9.33 12.29 11.91
CA THR B 190 -9.45 13.59 12.54
C THR B 190 -10.79 14.24 12.20
N VAL B 191 -11.66 14.36 13.21
CA VAL B 191 -12.99 14.92 13.06
C VAL B 191 -13.20 16.19 13.91
N PRO B 192 -14.27 16.94 13.65
CA PRO B 192 -14.59 18.17 14.39
C PRO B 192 -15.04 17.88 15.83
N SER B 193 -14.57 18.69 16.77
CA SER B 193 -14.90 18.52 18.18
C SER B 193 -16.40 18.52 18.45
N SER B 194 -17.17 19.12 17.55
CA SER B 194 -18.62 19.19 17.70
C SER B 194 -19.24 17.88 17.25
N THR B 195 -18.50 17.17 16.40
CA THR B 195 -18.93 15.91 15.82
C THR B 195 -18.89 14.69 16.74
N TRP B 196 -17.71 14.40 17.27
CA TRP B 196 -17.49 13.24 18.10
C TRP B 196 -18.25 12.99 19.40
N PRO B 197 -17.96 13.76 20.46
CA PRO B 197 -18.69 13.49 21.71
C PRO B 197 -20.14 13.03 21.52
N SER B 198 -20.85 13.65 20.57
CA SER B 198 -22.25 13.31 20.32
C SER B 198 -22.52 12.26 19.25
N GLN B 199 -21.83 12.37 18.12
CA GLN B 199 -22.00 11.43 17.02
C GLN B 199 -21.11 10.19 17.20
N THR B 200 -21.71 9.01 17.06
CA THR B 200 -20.97 7.76 17.22
C THR B 200 -19.98 7.55 16.07
N VAL B 201 -18.72 7.37 16.43
CA VAL B 201 -17.66 7.14 15.47
C VAL B 201 -17.18 5.72 15.73
N THR B 202 -17.19 4.90 14.68
CA THR B 202 -16.78 3.52 14.82
C THR B 202 -15.69 3.16 13.83
N CYS B 203 -14.87 2.20 14.23
CA CYS B 203 -13.79 1.76 13.37
C CYS B 203 -14.08 0.31 12.99
N ASN B 204 -14.07 0.05 11.69
CA ASN B 204 -14.38 -1.28 11.18
C ASN B 204 -13.16 -1.96 10.58
N VAL B 205 -12.80 -3.10 11.15
CA VAL B 205 -11.65 -3.86 10.70
C VAL B 205 -12.04 -5.22 10.14
N ALA B 206 -11.50 -5.56 8.98
CA ALA B 206 -11.77 -6.84 8.35
C ALA B 206 -10.43 -7.53 8.11
N HIS B 207 -10.36 -8.81 8.45
CA HIS B 207 -9.15 -9.59 8.27
C HIS B 207 -9.51 -10.81 7.41
N PRO B 208 -9.44 -10.65 6.08
CA PRO B 208 -9.76 -11.68 5.09
C PRO B 208 -9.31 -13.11 5.35
N ALA B 209 -8.05 -13.32 5.70
CA ALA B 209 -7.56 -14.68 5.93
C ALA B 209 -8.26 -15.40 7.06
N SER B 210 -8.74 -14.66 8.06
CA SER B 210 -9.43 -15.29 9.19
C SER B 210 -10.93 -15.12 9.06
N SER B 211 -11.35 -14.38 8.04
CA SER B 211 -12.76 -14.12 7.78
C SER B 211 -13.44 -13.48 8.98
N THR B 212 -12.70 -12.69 9.75
CA THR B 212 -13.27 -12.02 10.91
C THR B 212 -13.42 -10.54 10.66
N LYS B 213 -14.41 -9.95 11.32
CA LYS B 213 -14.67 -8.53 11.22
C LYS B 213 -14.90 -8.03 12.63
N VAL B 214 -14.38 -6.86 12.94
CA VAL B 214 -14.56 -6.28 14.26
C VAL B 214 -14.84 -4.79 14.15
N ASP B 215 -15.87 -4.35 14.85
CA ASP B 215 -16.27 -2.95 14.85
C ASP B 215 -16.13 -2.47 16.28
N LYS B 216 -15.29 -1.45 16.47
CA LYS B 216 -15.07 -0.90 17.79
C LYS B 216 -15.46 0.58 17.82
N LYS B 217 -16.35 0.93 18.74
CA LYS B 217 -16.81 2.30 18.88
C LYS B 217 -15.84 3.07 19.76
N ILE B 218 -15.54 4.32 19.39
CA ILE B 218 -14.61 5.13 20.17
C ILE B 218 -15.32 5.88 21.29
N VAL B 219 -15.13 5.42 22.52
CA VAL B 219 -15.79 6.07 23.66
C VAL B 219 -14.83 6.94 24.48
N PRO B 220 -15.18 8.23 24.68
CA PRO B 220 -14.34 9.14 25.46
C PRO B 220 -13.90 8.51 26.78
N ARG B 221 -12.68 8.83 27.19
CA ARG B 221 -12.12 8.32 28.42
C ARG B 221 -12.71 9.05 29.63
#